data_7VVB
#
_entry.id   7VVB
#
_cell.length_a   101.660
_cell.length_b   101.660
_cell.length_c   124.610
_cell.angle_alpha   90.000
_cell.angle_beta   90.000
_cell.angle_gamma   120.000
#
_symmetry.space_group_name_H-M   'P 61 2 2'
#
loop_
_entity.id
_entity.type
_entity.pdbx_description
1 polymer 'Target of rapamycin complex 2 subunit MAPKAP1'
2 polymer 'GTPase KRas'
3 non-polymer 'MAGNESIUM ION'
4 non-polymer 'PHOSPHOAMINOPHOSPHONIC ACID-GUANYLATE ESTER'
5 water water
#
loop_
_entity_poly.entity_id
_entity_poly.type
_entity_poly.pdbx_seq_one_letter_code
_entity_poly.pdbx_strand_id
1 'polypeptide(L)'
;MAFLDNPTIILAHIRQSHVTSDDTGMCEMVLIDHDVDLEKIHPPSMPGDSGSEIQGSNGETQGYVYAQSVDITSSWDFGI
RRRSNTAQRLERLRKERQNQIKCKNIQWKERNSKQSAQELKSLFEKKSLKEKPPISGKQSILSVRLEQCPLQLNNPFNEY
SKFDGKGHVGTTATKKIDVYLPLHSSQDRLLPMTVVTMASARVQDLIGLICWQYTSEGREPKLNDNVSAYCLHIAEDDGE
VDTDFPPLDSNEPIHKFGFSTLALVEKYSSPGLTSKESLFVRINAAHGFSLIQVDNTKVTMKEILLKAVKRRKGSQKVSG
PQYRLEKQSEPNVAVDLDSTLESQSAWEFCLVRENSSRADGVFEEDSQIDIATVQDMLSSHHYKSFKVSMIHRLRFTTDV
QLGISGDKVEIDPVTNQKASTKFWIKQKPISIDSDLLCACDLAEEKSPSHAIFKLTYLSNHDYKHLYFESDAATVNEIVL
KVNYILESRASTARADYFAQKQRKLNRRTSFSFQKEKKSGQQ
;
B
2 'polypeptide(L)'
;GMTEYKLVVVGAGGVGKSALTIQLIQNHFVDEYDPTIEDSYRKQVVIDGETCLLDILDTAGQEEYSAMRDQYMRTGEGFL
CVFAINNTKSFEDIHHYREQIKRVKDSEDVPMVLVGNKCDLPSRTVDTKQAQDLARSYGIPFIETSAKTRQRVEDAFYTL
VREIRQYRLKKISKEEKTPGCVKIKKCIIM
;
A
#
# COMPACT_ATOMS: atom_id res chain seq x y z
N SER A 278 -16.30 -5.97 -7.29
CA SER A 278 -16.86 -5.06 -6.30
C SER A 278 -16.82 -3.61 -6.80
N LEU A 279 -17.81 -2.83 -6.41
CA LEU A 279 -17.85 -1.41 -6.77
C LEU A 279 -16.97 -0.62 -5.82
N PHE A 280 -16.28 0.39 -6.36
CA PHE A 280 -15.50 1.27 -5.50
C PHE A 280 -15.35 2.63 -6.18
N VAL A 281 -14.98 3.64 -5.37
CA VAL A 281 -14.73 4.99 -5.89
C VAL A 281 -13.26 5.31 -5.66
N ARG A 282 -12.71 6.16 -6.52
CA ARG A 282 -11.34 6.61 -6.35
C ARG A 282 -11.34 7.98 -5.69
N ILE A 283 -10.57 8.12 -4.60
CA ILE A 283 -10.42 9.37 -3.87
C ILE A 283 -8.98 9.84 -4.03
N ASN A 284 -8.81 10.99 -4.67
CA ASN A 284 -7.49 11.61 -4.85
C ASN A 284 -7.26 12.60 -3.71
N ALA A 285 -6.19 12.39 -2.94
CA ALA A 285 -5.90 13.20 -1.78
C ALA A 285 -4.53 13.87 -1.95
N ALA A 286 -4.14 14.63 -0.92
CA ALA A 286 -2.93 15.44 -1.01
C ALA A 286 -1.68 14.61 -1.22
N HIS A 287 -1.65 13.38 -0.69
CA HIS A 287 -0.44 12.58 -0.72
C HIS A 287 -0.68 11.19 -1.31
N GLY A 288 -1.65 11.05 -2.19
CA GLY A 288 -1.89 9.79 -2.85
C GLY A 288 -3.37 9.57 -3.10
N PHE A 289 -3.72 8.37 -3.54
CA PHE A 289 -5.13 8.04 -3.77
C PHE A 289 -5.54 6.81 -2.96
N SER A 290 -6.85 6.69 -2.73
CA SER A 290 -7.43 5.53 -2.05
C SER A 290 -8.63 5.04 -2.83
N LEU A 291 -8.74 3.72 -3.02
CA LEU A 291 -9.96 3.14 -3.59
C LEU A 291 -10.85 2.71 -2.42
N ILE A 292 -12.08 3.22 -2.39
CA ILE A 292 -13.01 3.04 -1.28
C ILE A 292 -14.16 2.15 -1.76
N GLN A 293 -14.32 0.97 -1.15
CA GLN A 293 -15.41 0.07 -1.49
C GLN A 293 -16.75 0.69 -1.12
N VAL A 294 -17.76 0.45 -1.96
CA VAL A 294 -19.14 0.85 -1.70
C VAL A 294 -20.05 -0.31 -2.05
N ASP A 295 -21.09 -0.54 -1.22
CA ASP A 295 -22.04 -1.63 -1.50
C ASP A 295 -22.94 -1.30 -2.68
N ASN A 296 -23.31 -0.03 -2.82
CA ASN A 296 -24.27 0.41 -3.83
C ASN A 296 -24.12 1.92 -3.96
N THR A 297 -24.89 2.51 -4.87
CA THR A 297 -24.82 3.94 -5.08
C THR A 297 -25.78 4.74 -4.21
N LYS A 298 -26.49 4.08 -3.29
CA LYS A 298 -27.29 4.82 -2.32
C LYS A 298 -26.46 5.27 -1.12
N VAL A 299 -25.21 4.83 -1.02
CA VAL A 299 -24.33 5.30 0.05
C VAL A 299 -24.23 6.83 -0.06
N THR A 300 -24.12 7.51 1.08
CA THR A 300 -24.01 8.96 1.02
C THR A 300 -22.57 9.38 0.85
N MET A 301 -22.38 10.60 0.38
CA MET A 301 -21.03 11.07 0.17
C MET A 301 -20.32 11.26 1.51
N LYS A 302 -21.09 11.53 2.58
CA LYS A 302 -20.53 11.66 3.92
C LYS A 302 -19.82 10.36 4.34
N GLU A 303 -20.46 9.22 4.09
CA GLU A 303 -19.87 7.93 4.45
C GLU A 303 -18.55 7.70 3.72
N ILE A 304 -18.49 8.09 2.45
CA ILE A 304 -17.25 7.92 1.69
C ILE A 304 -16.15 8.81 2.23
N LEU A 305 -16.49 10.07 2.53
CA LEU A 305 -15.48 10.98 3.06
C LEU A 305 -14.92 10.48 4.38
N LEU A 306 -15.80 10.01 5.27
CA LEU A 306 -15.35 9.56 6.58
C LEU A 306 -14.41 8.37 6.46
N LYS A 307 -14.69 7.47 5.53
CA LYS A 307 -13.82 6.32 5.32
C LYS A 307 -12.48 6.75 4.77
N ALA A 308 -12.48 7.71 3.84
CA ALA A 308 -11.25 8.19 3.24
C ALA A 308 -10.39 8.93 4.25
N VAL A 309 -11.01 9.78 5.07
CA VAL A 309 -10.25 10.52 6.07
C VAL A 309 -9.65 9.57 7.10
N LYS A 310 -10.42 8.59 7.57
CA LYS A 310 -9.90 7.71 8.60
C LYS A 310 -8.70 6.91 8.09
N ARG A 311 -8.77 6.45 6.85
CA ARG A 311 -7.68 5.63 6.35
C ARG A 311 -6.42 6.46 6.12
N ARG A 312 -6.56 7.62 5.52
CA ARG A 312 -5.42 8.42 5.09
C ARG A 312 -4.88 9.35 6.15
N LYS A 313 -5.71 9.79 7.09
CA LYS A 313 -5.28 10.73 8.11
C LYS A 313 -5.31 10.17 9.52
N GLY A 314 -6.01 9.07 9.76
CA GLY A 314 -6.15 8.55 11.09
C GLY A 314 -7.28 9.21 11.86
N SER A 315 -7.22 9.06 13.19
CA SER A 315 -8.26 9.60 14.05
C SER A 315 -8.19 11.13 14.07
N GLN A 316 -9.35 11.76 14.10
CA GLN A 316 -9.43 13.22 14.09
C GLN A 316 -9.79 13.78 15.46
N PRO A 321 -8.93 19.47 11.55
CA PRO A 321 -9.10 19.95 10.18
C PRO A 321 -10.36 19.42 9.51
N GLN A 322 -11.03 20.26 8.72
CA GLN A 322 -12.24 19.87 8.03
C GLN A 322 -11.92 19.58 6.56
N TYR A 323 -12.60 18.59 6.00
CA TYR A 323 -12.36 18.16 4.62
C TYR A 323 -13.63 18.27 3.80
N ARG A 324 -13.44 18.43 2.49
CA ARG A 324 -14.54 18.36 1.54
C ARG A 324 -14.17 17.35 0.46
N LEU A 325 -15.18 16.87 -0.28
CA LEU A 325 -14.98 16.13 -1.50
C LEU A 325 -15.42 17.01 -2.67
N GLU A 326 -14.71 16.89 -3.79
CA GLU A 326 -15.08 17.56 -5.04
C GLU A 326 -15.19 16.51 -6.13
N LYS A 327 -16.16 16.68 -7.02
CA LYS A 327 -16.17 15.86 -8.24
C LYS A 327 -14.90 16.13 -9.05
N GLN A 328 -14.35 15.08 -9.65
CA GLN A 328 -13.12 15.25 -10.43
C GLN A 328 -13.27 16.34 -11.50
N SER A 329 -14.42 16.40 -12.16
CA SER A 329 -14.61 17.33 -13.27
C SER A 329 -15.24 18.66 -12.83
N GLU A 330 -15.37 18.91 -11.53
CA GLU A 330 -15.94 20.18 -11.05
C GLU A 330 -15.08 20.71 -9.90
N PRO A 331 -13.93 21.29 -10.22
CA PRO A 331 -13.03 21.77 -9.17
C PRO A 331 -13.61 22.88 -8.32
N ASN A 332 -13.15 22.93 -7.08
CA ASN A 332 -13.39 24.03 -6.14
C ASN A 332 -14.85 24.14 -5.73
N VAL A 333 -15.66 23.09 -5.89
CA VAL A 333 -17.03 23.09 -5.40
C VAL A 333 -17.20 21.85 -4.51
N ALA A 334 -17.64 22.07 -3.27
CA ALA A 334 -17.85 20.93 -2.38
C ALA A 334 -19.10 20.16 -2.77
N VAL A 335 -19.00 18.83 -2.78
CA VAL A 335 -20.18 18.02 -2.99
C VAL A 335 -21.02 18.04 -1.72
N ASP A 336 -22.34 17.91 -1.89
CA ASP A 336 -23.25 17.84 -0.76
C ASP A 336 -23.07 16.50 -0.07
N LEU A 337 -22.58 16.51 1.16
CA LEU A 337 -22.24 15.24 1.81
C LEU A 337 -23.48 14.43 2.17
N ASP A 338 -24.64 15.06 2.26
CA ASP A 338 -25.87 14.31 2.50
C ASP A 338 -26.44 13.67 1.25
N SER A 339 -25.88 13.95 0.07
CA SER A 339 -26.41 13.38 -1.17
C SER A 339 -25.84 11.98 -1.39
N THR A 340 -26.49 11.23 -2.28
CA THR A 340 -26.04 9.88 -2.58
C THR A 340 -24.92 9.90 -3.62
N LEU A 341 -24.12 8.84 -3.61
CA LEU A 341 -23.16 8.61 -4.69
C LEU A 341 -23.85 8.64 -6.05
N GLU A 342 -25.03 8.02 -6.15
CA GLU A 342 -25.76 8.00 -7.42
C GLU A 342 -26.01 9.40 -7.95
N SER A 343 -26.36 10.34 -7.06
CA SER A 343 -26.69 11.69 -7.50
C SER A 343 -25.48 12.43 -8.08
N GLN A 344 -24.25 11.97 -7.80
CA GLN A 344 -23.04 12.65 -8.25
C GLN A 344 -22.65 12.29 -9.68
N SER A 345 -23.13 11.17 -10.20
CA SER A 345 -22.81 10.73 -11.55
C SER A 345 -21.30 10.78 -11.79
N ALA A 346 -20.56 10.24 -10.82
CA ALA A 346 -19.10 10.28 -10.84
C ALA A 346 -18.56 9.16 -9.98
N TRP A 347 -17.34 8.72 -10.30
CA TRP A 347 -16.69 7.64 -9.57
C TRP A 347 -15.28 8.03 -9.13
N GLU A 348 -14.95 9.31 -9.22
CA GLU A 348 -13.64 9.80 -8.81
C GLU A 348 -13.84 11.17 -8.18
N PHE A 349 -13.23 11.38 -7.02
CA PHE A 349 -13.41 12.61 -6.26
C PHE A 349 -12.07 13.05 -5.70
N CYS A 350 -11.93 14.35 -5.43
CA CYS A 350 -10.77 14.88 -4.75
C CYS A 350 -11.12 15.17 -3.29
N LEU A 351 -10.27 14.70 -2.38
CA LEU A 351 -10.37 14.99 -0.95
C LEU A 351 -9.46 16.17 -0.63
N VAL A 352 -10.05 17.28 -0.18
CA VAL A 352 -9.32 18.52 -0.02
C VAL A 352 -9.63 19.10 1.35
N ARG A 353 -8.58 19.52 2.05
CA ARG A 353 -8.75 20.25 3.29
C ARG A 353 -9.40 21.61 3.00
N GLU A 354 -10.33 22.02 3.87
CA GLU A 354 -11.21 23.13 3.51
C GLU A 354 -10.45 24.42 3.25
N ASN A 355 -9.32 24.65 3.92
CA ASN A 355 -8.52 25.84 3.70
C ASN A 355 -7.50 25.68 2.58
N SER A 356 -7.63 24.64 1.76
CA SER A 356 -6.67 24.33 0.71
C SER A 356 -7.41 24.10 -0.61
N SER A 357 -6.67 23.71 -1.64
CA SER A 357 -7.23 23.36 -2.93
C SER A 357 -6.57 22.08 -3.43
N ARG A 358 -7.18 21.48 -4.46
CA ARG A 358 -6.71 20.18 -4.95
C ARG A 358 -5.33 20.28 -5.62
N GLY B 1 11.43 18.88 -6.22
CA GLY B 1 12.85 19.16 -6.09
C GLY B 1 13.64 18.01 -5.46
N MET B 2 13.37 16.80 -5.92
CA MET B 2 13.95 15.57 -5.39
C MET B 2 13.46 14.39 -6.20
N THR B 3 14.21 13.30 -6.13
CA THR B 3 13.86 12.07 -6.85
C THR B 3 12.73 11.32 -6.15
N GLU B 4 11.85 10.72 -6.94
CA GLU B 4 10.77 9.87 -6.43
C GLU B 4 11.05 8.40 -6.71
N TYR B 5 10.78 7.53 -5.73
CA TYR B 5 10.94 6.09 -5.89
C TYR B 5 9.60 5.40 -5.72
N LYS B 6 9.22 4.56 -6.68
CA LYS B 6 7.91 3.91 -6.69
C LYS B 6 8.05 2.51 -6.11
N LEU B 7 7.62 2.34 -4.86
CA LEU B 7 7.71 1.06 -4.17
C LEU B 7 6.34 0.41 -4.10
N VAL B 8 6.31 -0.92 -4.18
CA VAL B 8 5.05 -1.65 -4.21
C VAL B 8 5.12 -2.74 -3.14
N VAL B 9 4.05 -2.87 -2.34
CA VAL B 9 3.98 -3.89 -1.29
C VAL B 9 2.97 -4.95 -1.72
N VAL B 10 3.42 -6.21 -1.86
CA VAL B 10 2.58 -7.29 -2.37
C VAL B 10 2.64 -8.46 -1.41
N GLY B 11 1.65 -9.33 -1.52
CA GLY B 11 1.57 -10.50 -0.66
C GLY B 11 0.13 -10.90 -0.39
N ALA B 12 -0.02 -12.09 0.19
CA ALA B 12 -1.35 -12.64 0.44
C ALA B 12 -2.17 -11.78 1.40
N GLY B 13 -3.48 -12.02 1.40
CA GLY B 13 -4.35 -11.29 2.31
C GLY B 13 -4.01 -11.46 3.77
N GLY B 14 -4.00 -10.36 4.49
CA GLY B 14 -3.85 -10.38 5.93
C GLY B 14 -2.43 -10.44 6.46
N VAL B 15 -1.42 -10.43 5.60
CA VAL B 15 -0.04 -10.56 6.09
C VAL B 15 0.48 -9.30 6.75
N GLY B 16 -0.17 -8.17 6.54
CA GLY B 16 0.22 -6.91 7.15
C GLY B 16 0.82 -5.91 6.19
N LYS B 17 0.47 -5.97 4.90
CA LYS B 17 0.98 -4.99 3.93
C LYS B 17 0.57 -3.57 4.31
N SER B 18 -0.70 -3.38 4.63
CA SER B 18 -1.19 -2.07 5.01
C SER B 18 -0.58 -1.61 6.32
N ALA B 19 -0.49 -2.52 7.30
CA ALA B 19 0.08 -2.16 8.59
C ALA B 19 1.54 -1.72 8.44
N LEU B 20 2.31 -2.42 7.60
CA LEU B 20 3.70 -2.00 7.38
C LEU B 20 3.75 -0.62 6.76
N THR B 21 2.92 -0.40 5.74
CA THR B 21 2.93 0.89 5.04
C THR B 21 2.54 2.02 5.97
N ILE B 22 1.47 1.84 6.76
CA ILE B 22 1.02 2.91 7.65
C ILE B 22 2.00 3.13 8.80
N GLN B 23 2.67 2.06 9.28
CA GLN B 23 3.69 2.28 10.28
C GLN B 23 4.84 3.15 9.73
N LEU B 24 5.24 2.92 8.48
CA LEU B 24 6.26 3.75 7.88
C LEU B 24 5.80 5.18 7.68
N ILE B 25 4.61 5.36 7.10
CA ILE B 25 4.16 6.70 6.72
C ILE B 25 3.75 7.53 7.92
N GLN B 26 3.00 6.93 8.86
CA GLN B 26 2.33 7.66 9.92
C GLN B 26 2.83 7.32 11.31
N ASN B 27 3.75 6.37 11.44
CA ASN B 27 4.26 5.97 12.76
C ASN B 27 3.13 5.48 13.65
N HIS B 28 2.21 4.71 13.08
CA HIS B 28 1.01 4.27 13.76
C HIS B 28 0.73 2.83 13.37
N PHE B 29 0.28 2.01 14.33
CA PHE B 29 -0.09 0.62 14.06
C PHE B 29 -1.60 0.49 13.88
N VAL B 30 -2.01 -0.06 12.75
CA VAL B 30 -3.41 -0.30 12.44
C VAL B 30 -3.82 -1.65 13.04
N ASP B 31 -4.75 -1.63 14.01
CA ASP B 31 -5.23 -2.87 14.60
C ASP B 31 -6.29 -3.56 13.75
N GLU B 32 -7.14 -2.79 13.09
CA GLU B 32 -8.24 -3.37 12.34
C GLU B 32 -7.73 -4.03 11.06
N TYR B 33 -8.53 -4.97 10.54
CA TYR B 33 -8.26 -5.67 9.29
C TYR B 33 -9.31 -5.22 8.27
N ASP B 34 -8.99 -4.13 7.56
CA ASP B 34 -9.83 -3.56 6.51
C ASP B 34 -9.19 -3.91 5.18
N PRO B 35 -9.71 -4.90 4.44
CA PRO B 35 -9.00 -5.37 3.24
C PRO B 35 -8.84 -4.27 2.21
N THR B 36 -7.67 -4.25 1.59
CA THR B 36 -7.28 -3.23 0.63
C THR B 36 -7.76 -3.58 -0.77
N ILE B 37 -8.16 -2.55 -1.52
CA ILE B 37 -8.31 -2.67 -2.96
C ILE B 37 -7.03 -2.14 -3.60
N GLU B 38 -6.76 -0.84 -3.41
CA GLU B 38 -5.46 -0.26 -3.73
C GLU B 38 -5.38 1.13 -3.10
N ASP B 39 -4.21 1.47 -2.56
CA ASP B 39 -3.99 2.80 -1.97
C ASP B 39 -2.54 3.20 -2.19
N SER B 40 -2.30 4.48 -2.45
CA SER B 40 -0.93 4.99 -2.54
C SER B 40 -0.69 6.06 -1.47
N TYR B 41 0.56 6.14 -1.01
CA TYR B 41 0.98 7.10 0.00
C TYR B 41 2.33 7.67 -0.38
N ARG B 42 2.47 8.99 -0.32
CA ARG B 42 3.73 9.63 -0.67
C ARG B 42 4.28 10.34 0.57
N LYS B 43 5.59 10.17 0.80
CA LYS B 43 6.24 10.77 1.97
C LYS B 43 7.68 11.12 1.66
N GLN B 44 8.10 12.32 2.06
CA GLN B 44 9.49 12.72 1.94
C GLN B 44 10.31 12.12 3.10
N VAL B 45 11.45 11.50 2.77
CA VAL B 45 12.29 10.85 3.78
C VAL B 45 13.76 11.08 3.44
N VAL B 46 14.63 10.85 4.42
CA VAL B 46 16.07 10.90 4.20
C VAL B 46 16.61 9.48 4.30
N ILE B 47 17.28 9.01 3.25
CA ILE B 47 17.83 7.66 3.19
C ILE B 47 19.30 7.78 2.82
N ASP B 48 20.19 7.26 3.68
CA ASP B 48 21.63 7.37 3.47
C ASP B 48 22.06 8.81 3.19
N GLY B 49 21.47 9.75 3.93
CA GLY B 49 21.82 11.15 3.82
C GLY B 49 21.19 11.88 2.67
N GLU B 50 20.39 11.21 1.84
CA GLU B 50 19.83 11.80 0.63
C GLU B 50 18.31 11.89 0.74
N THR B 51 17.78 13.10 0.62
CA THR B 51 16.35 13.31 0.70
C THR B 51 15.68 12.86 -0.59
N CYS B 52 14.53 12.18 -0.46
CA CYS B 52 13.82 11.70 -1.64
C CYS B 52 12.34 11.56 -1.30
N LEU B 53 11.53 11.33 -2.32
CA LEU B 53 10.10 11.12 -2.14
C LEU B 53 9.78 9.65 -2.35
N LEU B 54 9.20 9.01 -1.34
CA LEU B 54 8.71 7.65 -1.48
C LEU B 54 7.27 7.71 -1.96
N ASP B 55 6.95 6.90 -2.95
CA ASP B 55 5.60 6.72 -3.48
C ASP B 55 5.31 5.25 -3.25
N ILE B 56 4.55 4.92 -2.20
CA ILE B 56 4.33 3.53 -1.81
C ILE B 56 2.94 3.10 -2.24
N LEU B 57 2.86 2.02 -3.00
CA LEU B 57 1.59 1.45 -3.45
C LEU B 57 1.28 0.24 -2.58
N ASP B 58 0.16 0.30 -1.88
CA ASP B 58 -0.36 -0.77 -1.01
C ASP B 58 -1.42 -1.53 -1.79
N THR B 59 -1.22 -2.85 -1.98
CA THR B 59 -2.00 -3.59 -2.95
C THR B 59 -2.92 -4.60 -2.27
N ALA B 60 -3.78 -5.22 -3.08
CA ALA B 60 -4.77 -6.17 -2.56
C ALA B 60 -4.18 -7.57 -2.43
N GLY B 61 -4.43 -8.20 -1.28
CA GLY B 61 -4.14 -9.62 -1.17
C GLY B 61 -5.32 -10.45 -1.62
N GLN B 62 -6.52 -9.86 -1.63
CA GLN B 62 -7.71 -10.63 -1.99
C GLN B 62 -7.67 -10.96 -3.48
N GLU B 63 -7.90 -12.23 -3.80
CA GLU B 63 -7.83 -12.68 -5.20
C GLU B 63 -8.83 -11.98 -6.09
N GLU B 64 -9.94 -11.49 -5.54
CA GLU B 64 -10.94 -10.78 -6.32
C GLU B 64 -10.35 -9.62 -7.12
N TYR B 65 -9.22 -9.03 -6.66
CA TYR B 65 -8.60 -7.91 -7.36
C TYR B 65 -7.29 -8.30 -8.04
N SER B 66 -7.09 -9.58 -8.36
CA SER B 66 -5.82 -10.01 -8.92
C SER B 66 -5.53 -9.42 -10.30
N ALA B 67 -6.57 -8.99 -11.03
CA ALA B 67 -6.34 -8.45 -12.38
C ALA B 67 -5.53 -7.15 -12.35
N MET B 68 -5.55 -6.44 -11.22
CA MET B 68 -4.83 -5.18 -11.06
C MET B 68 -3.31 -5.35 -11.07
N ARG B 69 -2.81 -6.56 -10.81
CA ARG B 69 -1.39 -6.78 -10.67
C ARG B 69 -0.62 -6.40 -11.92
N ASP B 70 -1.14 -6.75 -13.10
CA ASP B 70 -0.42 -6.42 -14.34
C ASP B 70 0.00 -4.96 -14.35
N GLN B 71 -0.93 -4.06 -14.05
CA GLN B 71 -0.68 -2.63 -14.15
C GLN B 71 0.44 -2.21 -13.22
N TYR B 72 0.28 -2.50 -11.92
CA TYR B 72 1.21 -1.93 -10.96
C TYR B 72 2.56 -2.64 -11.00
N MET B 73 2.61 -3.87 -11.51
CA MET B 73 3.88 -4.56 -11.54
C MET B 73 4.79 -3.98 -12.63
N ARG B 74 4.20 -3.44 -13.69
CA ARG B 74 5.00 -2.92 -14.80
C ARG B 74 5.78 -1.68 -14.38
N THR B 75 5.13 -0.77 -13.65
CA THR B 75 5.76 0.50 -13.31
C THR B 75 6.40 0.52 -11.91
N GLY B 76 6.15 -0.49 -11.08
CA GLY B 76 6.80 -0.52 -9.79
C GLY B 76 8.30 -0.67 -9.94
N GLU B 77 9.06 0.10 -9.14
CA GLU B 77 10.51 0.08 -9.23
C GLU B 77 11.16 -0.83 -8.19
N GLY B 78 10.44 -1.16 -7.12
CA GLY B 78 10.95 -2.07 -6.13
C GLY B 78 9.78 -2.67 -5.39
N PHE B 79 9.95 -3.92 -4.94
CA PHE B 79 8.84 -4.67 -4.38
C PHE B 79 9.18 -5.26 -3.02
N LEU B 80 8.30 -5.04 -2.04
CA LEU B 80 8.33 -5.83 -0.81
C LEU B 80 7.40 -7.01 -1.00
N CYS B 81 7.92 -8.22 -0.97
CA CYS B 81 7.10 -9.42 -1.06
C CYS B 81 6.92 -9.95 0.35
N VAL B 82 5.71 -9.76 0.90
CA VAL B 82 5.45 -9.94 2.32
C VAL B 82 4.69 -11.23 2.58
N PHE B 83 5.15 -12.01 3.56
CA PHE B 83 4.39 -13.12 4.13
C PHE B 83 4.34 -12.92 5.64
N ALA B 84 3.51 -13.71 6.32
CA ALA B 84 3.43 -13.65 7.77
C ALA B 84 4.07 -14.90 8.35
N ILE B 85 4.87 -14.73 9.40
CA ILE B 85 5.67 -15.85 9.88
C ILE B 85 4.82 -16.93 10.52
N ASN B 86 3.55 -16.65 10.79
CA ASN B 86 2.63 -17.62 11.35
C ASN B 86 1.65 -18.17 10.31
N ASN B 87 1.99 -18.10 9.02
CA ASN B 87 1.04 -18.45 7.95
C ASN B 87 1.84 -19.06 6.80
N THR B 88 1.99 -20.39 6.79
CA THR B 88 2.80 -21.00 5.73
C THR B 88 2.15 -20.85 4.36
N LYS B 89 0.82 -20.75 4.30
CA LYS B 89 0.18 -20.51 3.01
C LYS B 89 0.65 -19.18 2.40
N SER B 90 0.79 -18.15 3.23
CA SER B 90 1.26 -16.86 2.70
C SER B 90 2.70 -16.96 2.23
N PHE B 91 3.49 -17.82 2.85
CA PHE B 91 4.86 -18.10 2.38
C PHE B 91 4.85 -18.81 1.03
N GLU B 92 3.98 -19.81 0.87
CA GLU B 92 3.77 -20.45 -0.42
C GLU B 92 3.40 -19.44 -1.49
N ASP B 93 2.58 -18.47 -1.13
CA ASP B 93 2.04 -17.53 -2.11
C ASP B 93 3.09 -16.57 -2.64
N ILE B 94 4.23 -16.44 -1.97
CA ILE B 94 5.27 -15.53 -2.44
C ILE B 94 5.66 -15.85 -3.88
N HIS B 95 5.75 -17.13 -4.21
CA HIS B 95 6.24 -17.53 -5.53
C HIS B 95 5.38 -16.97 -6.65
N HIS B 96 4.04 -16.96 -6.49
CA HIS B 96 3.20 -16.48 -7.58
C HIS B 96 3.36 -14.99 -7.79
N TYR B 97 3.59 -14.23 -6.72
CA TYR B 97 3.91 -12.81 -6.86
C TYR B 97 5.24 -12.61 -7.57
N ARG B 98 6.28 -13.28 -7.10
CA ARG B 98 7.60 -13.15 -7.71
C ARG B 98 7.56 -13.55 -9.18
N GLU B 99 6.83 -14.61 -9.51
CA GLU B 99 6.81 -15.07 -10.89
C GLU B 99 6.08 -14.08 -11.79
N GLN B 100 5.01 -13.45 -11.30
CA GLN B 100 4.31 -12.49 -12.13
C GLN B 100 5.14 -11.24 -12.34
N ILE B 101 5.85 -10.79 -11.30
CA ILE B 101 6.73 -9.64 -11.46
C ILE B 101 7.82 -9.96 -12.48
N LYS B 102 8.43 -11.13 -12.35
CA LYS B 102 9.46 -11.56 -13.29
C LYS B 102 8.95 -11.58 -14.73
N ARG B 103 7.74 -12.09 -14.96
CA ARG B 103 7.21 -12.17 -16.32
C ARG B 103 7.01 -10.78 -16.92
N VAL B 104 6.42 -9.87 -16.14
CA VAL B 104 6.14 -8.52 -16.59
C VAL B 104 7.42 -7.73 -16.86
N LYS B 105 8.49 -8.04 -16.13
CA LYS B 105 9.79 -7.42 -16.33
C LYS B 105 10.68 -8.20 -17.28
N ASP B 106 10.14 -9.19 -18.01
CA ASP B 106 10.90 -9.99 -18.98
C ASP B 106 12.13 -10.64 -18.34
N SER B 107 11.94 -11.15 -17.13
CA SER B 107 12.93 -11.91 -16.37
C SER B 107 14.14 -11.10 -15.95
N GLU B 108 14.05 -9.76 -15.98
CA GLU B 108 15.12 -8.95 -15.44
C GLU B 108 15.18 -9.09 -13.92
N ASP B 109 16.34 -8.81 -13.36
CA ASP B 109 16.41 -8.59 -11.92
C ASP B 109 15.68 -7.30 -11.58
N VAL B 110 14.94 -7.32 -10.48
CA VAL B 110 14.14 -6.19 -10.01
C VAL B 110 14.46 -6.00 -8.54
N PRO B 111 14.65 -4.77 -8.05
CA PRO B 111 14.82 -4.58 -6.61
C PRO B 111 13.66 -5.18 -5.85
N MET B 112 13.98 -6.01 -4.86
CA MET B 112 12.95 -6.78 -4.18
C MET B 112 13.51 -7.25 -2.84
N VAL B 113 12.63 -7.31 -1.83
CA VAL B 113 12.99 -7.81 -0.50
C VAL B 113 11.92 -8.82 -0.09
N LEU B 114 12.36 -9.94 0.47
CA LEU B 114 11.43 -10.91 1.06
C LEU B 114 11.21 -10.50 2.51
N VAL B 115 9.97 -10.21 2.88
CA VAL B 115 9.64 -9.67 4.19
C VAL B 115 8.82 -10.71 4.94
N GLY B 116 9.34 -11.16 6.09
CA GLY B 116 8.56 -12.00 6.98
C GLY B 116 8.02 -11.16 8.13
N ASN B 117 6.73 -10.84 8.09
CA ASN B 117 6.12 -9.91 9.02
C ASN B 117 5.46 -10.64 10.20
N LYS B 118 5.09 -9.85 11.22
CA LYS B 118 4.45 -10.32 12.46
C LYS B 118 5.41 -11.07 13.37
N CYS B 119 6.69 -10.67 13.32
CA CYS B 119 7.72 -11.29 14.13
C CYS B 119 7.59 -11.01 15.61
N ASP B 120 6.63 -10.17 16.01
CA ASP B 120 6.30 -9.98 17.42
C ASP B 120 5.49 -11.13 18.01
N LEU B 121 4.86 -11.95 17.16
CA LEU B 121 3.94 -12.98 17.63
C LEU B 121 4.72 -14.20 18.10
N PRO B 122 4.17 -14.94 19.06
CA PRO B 122 4.86 -16.15 19.54
C PRO B 122 4.73 -17.33 18.59
N SER B 123 3.63 -17.40 17.82
CA SER B 123 3.45 -18.52 16.92
C SER B 123 4.29 -18.30 15.68
N ARG B 124 5.15 -19.28 15.35
CA ARG B 124 5.98 -19.22 14.17
C ARG B 124 5.90 -20.57 13.45
N THR B 125 5.40 -20.58 12.22
CA THR B 125 5.30 -21.81 11.45
C THR B 125 6.21 -21.84 10.24
N VAL B 126 6.75 -20.70 9.82
CA VAL B 126 7.80 -20.64 8.80
C VAL B 126 9.16 -20.63 9.50
N ASP B 127 10.03 -21.56 9.11
CA ASP B 127 11.38 -21.69 9.66
C ASP B 127 12.32 -20.62 9.12
N THR B 128 13.30 -20.23 9.96
CA THR B 128 14.18 -19.11 9.59
C THR B 128 15.05 -19.45 8.39
N LYS B 129 15.73 -20.60 8.44
CA LYS B 129 16.54 -20.97 7.29
C LYS B 129 15.68 -21.25 6.06
N GLN B 130 14.47 -21.77 6.26
CA GLN B 130 13.55 -21.93 5.14
C GLN B 130 13.31 -20.60 4.43
N ALA B 131 13.03 -19.55 5.20
CA ALA B 131 12.84 -18.23 4.61
C ALA B 131 14.13 -17.68 4.01
N GLN B 132 15.25 -17.86 4.70
CA GLN B 132 16.53 -17.40 4.15
C GLN B 132 16.84 -18.11 2.83
N ASP B 133 16.49 -19.41 2.74
CA ASP B 133 16.78 -20.16 1.53
C ASP B 133 15.87 -19.76 0.37
N LEU B 134 14.60 -19.42 0.65
CA LEU B 134 13.75 -18.86 -0.41
C LEU B 134 14.34 -17.56 -0.94
N ALA B 135 14.73 -16.66 -0.02
CA ALA B 135 15.34 -15.40 -0.46
C ALA B 135 16.58 -15.66 -1.29
N ARG B 136 17.43 -16.61 -0.87
CA ARG B 136 18.66 -16.87 -1.62
C ARG B 136 18.35 -17.45 -2.99
N SER B 137 17.29 -18.25 -3.11
CA SER B 137 16.95 -18.83 -4.41
C SER B 137 16.49 -17.76 -5.39
N TYR B 138 15.96 -16.65 -4.89
CA TYR B 138 15.58 -15.51 -5.70
C TYR B 138 16.68 -14.47 -5.84
N GLY B 139 17.76 -14.58 -5.07
CA GLY B 139 18.83 -13.59 -5.08
C GLY B 139 18.47 -12.27 -4.43
N ILE B 140 17.73 -12.30 -3.33
CA ILE B 140 17.24 -11.09 -2.66
C ILE B 140 17.43 -11.21 -1.16
N PRO B 141 17.42 -10.09 -0.43
CA PRO B 141 17.52 -10.16 1.04
C PRO B 141 16.25 -10.66 1.67
N PHE B 142 16.39 -11.25 2.87
CA PHE B 142 15.27 -11.59 3.73
C PHE B 142 15.32 -10.72 4.99
N ILE B 143 14.21 -10.06 5.31
CA ILE B 143 14.14 -9.17 6.47
C ILE B 143 12.89 -9.54 7.30
N GLU B 144 13.09 -9.81 8.59
CA GLU B 144 12.00 -10.07 9.53
C GLU B 144 11.52 -8.76 10.14
N THR B 145 10.22 -8.48 10.01
CA THR B 145 9.65 -7.21 10.46
C THR B 145 8.50 -7.43 11.43
N SER B 146 8.16 -6.35 12.14
CA SER B 146 6.88 -6.26 12.86
C SER B 146 6.29 -4.88 12.63
N ALA B 147 5.12 -4.82 11.99
CA ALA B 147 4.42 -3.54 11.90
C ALA B 147 3.94 -3.07 13.27
N LYS B 148 3.79 -3.99 14.23
CA LYS B 148 3.34 -3.61 15.56
C LYS B 148 4.43 -2.90 16.35
N THR B 149 5.63 -3.46 16.38
CA THR B 149 6.73 -2.91 17.16
C THR B 149 7.66 -2.01 16.36
N ARG B 150 7.44 -1.89 15.06
CA ARG B 150 8.23 -1.13 14.09
C ARG B 150 9.57 -1.80 13.77
N GLN B 151 9.82 -3.00 14.28
CA GLN B 151 11.08 -3.69 14.03
C GLN B 151 11.37 -3.83 12.54
N ARG B 152 12.50 -3.25 12.11
CA ARG B 152 13.06 -3.39 10.76
C ARG B 152 12.11 -2.89 9.67
N VAL B 153 11.13 -2.06 10.04
CA VAL B 153 10.21 -1.54 9.03
C VAL B 153 10.93 -0.58 8.09
N GLU B 154 11.72 0.35 8.64
CA GLU B 154 12.47 1.25 7.78
C GLU B 154 13.51 0.47 6.98
N ASP B 155 14.17 -0.49 7.62
CA ASP B 155 15.15 -1.33 6.92
C ASP B 155 14.55 -1.92 5.65
N ALA B 156 13.33 -2.45 5.74
CA ALA B 156 12.73 -3.13 4.60
C ALA B 156 12.50 -2.17 3.44
N PHE B 157 11.85 -1.03 3.70
CA PHE B 157 11.56 -0.09 2.62
C PHE B 157 12.84 0.58 2.13
N TYR B 158 13.73 0.95 3.03
CA TYR B 158 14.93 1.68 2.62
C TYR B 158 15.87 0.80 1.80
N THR B 159 15.88 -0.52 2.04
CA THR B 159 16.69 -1.42 1.22
C THR B 159 16.30 -1.33 -0.25
N LEU B 160 15.00 -1.22 -0.54
CA LEU B 160 14.56 -1.07 -1.93
C LEU B 160 15.15 0.17 -2.56
N VAL B 161 15.11 1.30 -1.85
CA VAL B 161 15.64 2.54 -2.40
C VAL B 161 17.14 2.43 -2.63
N ARG B 162 17.85 1.78 -1.70
CA ARG B 162 19.28 1.59 -1.89
C ARG B 162 19.56 0.77 -3.14
N GLU B 163 18.70 -0.22 -3.43
CA GLU B 163 18.88 -1.04 -4.62
C GLU B 163 18.50 -0.30 -5.88
N ILE B 164 17.38 0.43 -5.86
CA ILE B 164 16.99 1.21 -7.04
C ILE B 164 18.09 2.20 -7.42
N ARG B 165 18.73 2.79 -6.42
CA ARG B 165 19.76 3.80 -6.68
C ARG B 165 20.98 3.19 -7.37
N GLN B 166 21.29 1.92 -7.09
CA GLN B 166 22.47 1.26 -7.65
C GLN B 166 22.20 0.64 -9.01
N TYR B 167 20.99 0.13 -9.23
CA TYR B 167 20.63 -0.57 -10.47
C TYR B 167 20.57 0.39 -11.65
#